data_7QFM
#
_entry.id   7QFM
#
_cell.length_a   96.818
_cell.length_b   96.818
_cell.length_c   80.147
_cell.angle_alpha   90.000
_cell.angle_beta   90.000
_cell.angle_gamma   120.000
#
_symmetry.space_group_name_H-M   'P 65'
#
loop_
_entity.id
_entity.type
_entity.pdbx_description
1 polymer 'Serine/threonine-protein kinase pim-1'
2 polymer Pimtide
3 non-polymer GLYCEROL
4 non-polymer '4-[(~{E})-(2-oxidanylidene-1~{H}-indol-3-ylidene)methyl]benzoic acid'
5 water water
#
loop_
_entity_poly.entity_id
_entity_poly.type
_entity_poly.pdbx_seq_one_letter_code
_entity_poly.pdbx_strand_id
1 'polypeptide(L)'
;MLLSKINSLAHLRAAPCNDLHATKLAPGKEKEPLESQYQVGPLLGSGGFGSVYSGIRVSDNLPVAIKHVEKDRISDWGEL
PNGTRVPMEVVLLKKVSSGFSGVIRLLDWFERPDSFVLILERPEPVQDLFDFITERGALQEELARSFFWQVLEAVRHCHN
CGVLHRDIKDENILIDLNRGELKLIDFGSGALLKDTVYTDFDGTRVYSPPEWIRYHRYHGRSAAVWSLGILLYDMVCGDI
PFEHDEEIIGGQVFFRQRVS(SEP)ECQHLIRWCLALRPSDRPTFEEIQNHPWMQDVLLPQETAEIHLHSLSPGPS
;
A
2 'polypeptide(L)' ARKRRRHPSGPPTA D
#
loop_
_chem_comp.id
_chem_comp.type
_chem_comp.name
_chem_comp.formula
AY3 non-polymer '4-[(~{E})-(2-oxidanylidene-1~{H}-indol-3-ylidene)methyl]benzoic acid' 'C16 H11 N O3'
GOL non-polymer GLYCEROL 'C3 H8 O3'
#
# COMPACT_ATOMS: atom_id res chain seq x y z
N PRO A 33 -30.25 -5.88 -0.72
CA PRO A 33 -29.72 -7.09 -0.07
C PRO A 33 -28.38 -7.53 -0.66
N LEU A 34 -27.41 -7.80 0.21
CA LEU A 34 -26.09 -8.22 -0.25
C LEU A 34 -26.07 -9.70 -0.64
N GLU A 35 -26.78 -10.55 0.12
CA GLU A 35 -26.84 -11.96 -0.19
C GLU A 35 -27.45 -12.23 -1.56
N SER A 36 -28.14 -11.24 -2.13
CA SER A 36 -28.82 -11.36 -3.41
C SER A 36 -27.93 -10.95 -4.59
N GLN A 37 -27.19 -9.84 -4.46
CA GLN A 37 -26.45 -9.30 -5.59
C GLN A 37 -25.14 -10.03 -5.86
N TYR A 38 -24.60 -10.76 -4.88
CA TYR A 38 -23.27 -11.33 -5.02
C TYR A 38 -23.30 -12.81 -4.68
N GLN A 39 -22.55 -13.59 -5.48
CA GLN A 39 -22.24 -14.97 -5.13
C GLN A 39 -20.96 -14.96 -4.29
N VAL A 40 -21.06 -15.46 -3.07
CA VAL A 40 -19.95 -15.44 -2.12
C VAL A 40 -19.18 -16.74 -2.23
N GLY A 41 -17.86 -16.64 -2.24
CA GLY A 41 -17.00 -17.80 -2.27
C GLY A 41 -16.22 -17.96 -0.99
N PRO A 42 -15.08 -18.65 -1.06
CA PRO A 42 -14.29 -18.92 0.14
C PRO A 42 -13.44 -17.72 0.53
N LEU A 43 -12.86 -17.82 1.73
CA LEU A 43 -11.93 -16.81 2.21
C LEU A 43 -10.84 -16.54 1.18
N LEU A 44 -10.29 -15.33 1.26
CA LEU A 44 -9.37 -14.76 0.30
C LEU A 44 -8.23 -14.10 1.05
N GLY A 45 -7.07 -14.00 0.40
CA GLY A 45 -5.95 -13.24 0.93
C GLY A 45 -4.74 -14.12 1.17
N SER A 46 -3.99 -13.77 2.21
CA SER A 46 -2.75 -14.46 2.53
C SER A 46 -2.24 -14.06 3.92
N PHE A 49 -4.35 -13.26 7.43
CA PHE A 49 -5.46 -13.02 8.35
C PHE A 49 -6.28 -11.80 7.92
N GLY A 50 -7.55 -11.80 8.32
CA GLY A 50 -8.56 -10.87 7.85
C GLY A 50 -9.82 -11.62 7.46
N SER A 51 -10.84 -10.86 7.04
CA SER A 51 -12.12 -11.45 6.63
C SER A 51 -12.51 -10.92 5.26
N VAL A 52 -11.77 -11.33 4.24
CA VAL A 52 -12.07 -10.97 2.86
C VAL A 52 -12.37 -12.25 2.11
N TYR A 53 -13.52 -12.28 1.44
CA TYR A 53 -13.98 -13.45 0.70
C TYR A 53 -13.99 -13.17 -0.79
N SER A 54 -13.68 -14.20 -1.57
CA SER A 54 -13.84 -14.11 -3.00
C SER A 54 -15.31 -14.06 -3.36
N GLY A 55 -15.65 -13.30 -4.39
CA GLY A 55 -17.03 -13.20 -4.81
C GLY A 55 -17.13 -12.85 -6.28
N ILE A 56 -18.36 -12.96 -6.79
CA ILE A 56 -18.70 -12.54 -8.15
C ILE A 56 -20.01 -11.76 -8.08
N ARG A 57 -20.05 -10.60 -8.72
CA ARG A 57 -21.28 -9.83 -8.81
C ARG A 57 -22.24 -10.51 -9.78
N VAL A 58 -23.43 -10.87 -9.29
CA VAL A 58 -24.37 -11.62 -10.12
C VAL A 58 -24.80 -10.80 -11.33
N SER A 59 -24.93 -9.48 -11.15
CA SER A 59 -25.39 -8.61 -12.23
C SER A 59 -24.58 -8.81 -13.51
N ASP A 60 -23.28 -9.09 -13.38
CA ASP A 60 -22.44 -9.22 -14.57
C ASP A 60 -21.23 -10.13 -14.38
N ASN A 61 -21.25 -11.04 -13.40
CA ASN A 61 -20.16 -11.99 -13.14
C ASN A 61 -18.82 -11.29 -12.91
N LEU A 62 -18.85 -10.02 -12.50
CA LEU A 62 -17.62 -9.30 -12.22
C LEU A 62 -16.99 -9.86 -10.94
N PRO A 63 -15.69 -10.22 -10.96
CA PRO A 63 -15.06 -10.71 -9.74
C PRO A 63 -14.89 -9.59 -8.72
N VAL A 64 -15.26 -9.87 -7.47
CA VAL A 64 -15.18 -8.88 -6.40
C VAL A 64 -14.52 -9.52 -5.18
N ALA A 65 -14.04 -8.65 -4.30
CA ALA A 65 -13.57 -9.06 -2.97
C ALA A 65 -14.54 -8.49 -1.94
N ILE A 66 -15.02 -9.34 -1.05
CA ILE A 66 -16.05 -8.97 -0.09
C ILE A 66 -15.40 -8.91 1.28
N LYS A 67 -15.23 -7.69 1.78
CA LYS A 67 -14.46 -7.42 2.99
C LYS A 67 -15.40 -7.05 4.12
N HIS A 68 -15.29 -7.77 5.24
CA HIS A 68 -16.14 -7.58 6.40
C HIS A 68 -15.34 -6.91 7.50
N VAL A 69 -15.93 -5.89 8.10
CA VAL A 69 -15.28 -5.13 9.16
C VAL A 69 -16.23 -5.13 10.35
N GLU A 70 -15.75 -5.63 11.49
CA GLU A 70 -16.58 -5.72 12.67
C GLU A 70 -16.65 -4.36 13.35
N LYS A 71 -17.87 -3.90 13.67
CA LYS A 71 -18.03 -2.56 14.23
C LYS A 71 -17.26 -2.39 15.53
N ASP A 72 -17.29 -3.40 16.39
CA ASP A 72 -16.60 -3.31 17.68
C ASP A 72 -15.08 -3.26 17.54
N ARG A 73 -14.54 -3.44 16.33
CA ARG A 73 -13.11 -3.40 16.11
C ARG A 73 -12.67 -2.15 15.35
N ILE A 74 -13.56 -1.21 15.10
CA ILE A 74 -13.27 -0.04 14.26
C ILE A 74 -12.61 1.04 15.09
N SER A 75 -11.45 1.51 14.64
CA SER A 75 -10.73 2.58 15.32
C SER A 75 -11.35 3.95 15.02
N ASP A 76 -11.23 4.41 13.78
CA ASP A 76 -11.70 5.73 13.38
C ASP A 76 -13.02 5.63 12.63
N TRP A 77 -13.95 6.51 12.99
CA TRP A 77 -15.23 6.62 12.32
C TRP A 77 -15.29 7.92 11.53
N GLY A 78 -16.04 7.89 10.43
CA GLY A 78 -16.30 9.09 9.68
C GLY A 78 -17.78 9.23 9.38
N GLU A 79 -18.18 10.45 9.07
CA GLU A 79 -19.53 10.73 8.61
C GLU A 79 -19.50 10.87 7.10
N LEU A 80 -20.48 10.30 6.43
CA LEU A 80 -20.63 10.44 4.99
C LEU A 80 -21.29 11.78 4.70
N PRO A 81 -21.50 12.11 3.43
CA PRO A 81 -22.21 13.35 3.11
C PRO A 81 -23.60 13.42 3.73
N ASN A 82 -24.33 12.30 3.74
CA ASN A 82 -25.65 12.23 4.35
C ASN A 82 -25.61 12.08 5.86
N GLY A 83 -24.49 12.43 6.50
CA GLY A 83 -24.36 12.32 7.93
C GLY A 83 -24.29 10.90 8.48
N THR A 84 -24.43 9.89 7.64
CA THR A 84 -24.40 8.50 8.10
C THR A 84 -23.01 8.14 8.59
N ARG A 85 -22.93 7.57 9.79
CA ARG A 85 -21.66 7.24 10.41
C ARG A 85 -21.13 5.92 9.84
N VAL A 86 -19.95 5.97 9.23
CA VAL A 86 -19.35 4.81 8.58
C VAL A 86 -17.90 4.69 9.06
N PRO A 87 -17.27 3.53 8.85
CA PRO A 87 -15.83 3.45 9.10
C PRO A 87 -15.10 4.46 8.24
N MET A 88 -14.03 5.05 8.79
CA MET A 88 -13.19 5.95 8.02
C MET A 88 -12.69 5.28 6.74
N GLU A 89 -12.49 3.96 6.76
CA GLU A 89 -12.03 3.25 5.58
C GLU A 89 -12.99 3.46 4.41
N VAL A 90 -14.30 3.47 4.67
CA VAL A 90 -15.26 3.72 3.61
C VAL A 90 -15.16 5.16 3.11
N VAL A 91 -15.00 6.12 4.03
CA VAL A 91 -14.82 7.52 3.63
C VAL A 91 -13.62 7.65 2.69
N LEU A 92 -12.49 7.07 3.08
CA LEU A 92 -11.28 7.22 2.28
C LEU A 92 -11.39 6.52 0.94
N LEU A 93 -11.94 5.31 0.93
CA LEU A 93 -12.12 4.58 -0.33
C LEU A 93 -13.02 5.35 -1.29
N LYS A 94 -14.10 5.96 -0.78
CA LYS A 94 -14.96 6.75 -1.65
C LYS A 94 -14.21 7.93 -2.23
N LYS A 95 -13.34 8.57 -1.44
CA LYS A 95 -12.60 9.74 -1.92
C LYS A 95 -11.60 9.39 -3.03
N VAL A 96 -11.03 8.19 -3.02
CA VAL A 96 -10.05 7.82 -4.03
C VAL A 96 -10.65 7.03 -5.20
N SER A 97 -11.94 6.70 -5.13
CA SER A 97 -12.56 5.77 -6.08
C SER A 97 -12.87 6.34 -7.47
N SER A 98 -12.11 7.33 -7.93
CA SER A 98 -12.45 8.02 -9.17
C SER A 98 -12.47 7.08 -10.37
N GLY A 99 -11.38 6.35 -10.59
CA GLY A 99 -11.25 5.52 -11.78
C GLY A 99 -9.81 5.37 -12.22
N PHE A 100 -8.90 6.07 -11.54
CA PHE A 100 -7.49 5.79 -11.67
C PHE A 100 -7.22 4.37 -11.18
N SER A 101 -6.58 3.58 -12.02
CA SER A 101 -6.50 2.14 -11.76
C SER A 101 -5.46 1.77 -10.72
N GLY A 102 -4.72 2.72 -10.14
CA GLY A 102 -3.67 2.33 -9.21
C GLY A 102 -4.11 2.14 -7.76
N VAL A 103 -5.35 2.47 -7.46
N VAL A 103 -5.33 2.54 -7.41
CA VAL A 103 -5.90 2.32 -6.11
CA VAL A 103 -5.83 2.25 -6.07
C VAL A 103 -7.10 1.38 -6.22
C VAL A 103 -7.05 1.35 -6.22
N ILE A 104 -7.27 0.50 -5.21
CA ILE A 104 -8.39 -0.43 -5.24
C ILE A 104 -9.71 0.36 -5.25
N ARG A 105 -10.68 -0.11 -6.01
CA ARG A 105 -11.94 0.60 -6.17
C ARG A 105 -13.02 -0.02 -5.29
N LEU A 106 -13.65 0.80 -4.45
CA LEU A 106 -14.82 0.38 -3.69
C LEU A 106 -16.04 0.46 -4.59
N LEU A 107 -16.68 -0.68 -4.84
CA LEU A 107 -17.83 -0.70 -5.73
C LEU A 107 -19.14 -0.46 -5.00
N ASP A 108 -19.23 -0.85 -3.74
CA ASP A 108 -20.47 -0.72 -2.96
C ASP A 108 -20.11 -1.06 -1.51
N TRP A 109 -21.04 -0.76 -0.61
CA TRP A 109 -20.87 -1.14 0.78
C TRP A 109 -22.24 -1.24 1.42
N PHE A 110 -22.32 -2.02 2.50
CA PHE A 110 -23.57 -2.26 3.21
C PHE A 110 -23.30 -2.19 4.70
N GLU A 111 -24.29 -1.73 5.46
CA GLU A 111 -24.22 -1.79 6.91
C GLU A 111 -25.07 -2.95 7.43
N ARG A 112 -24.54 -3.65 8.42
CA ARG A 112 -25.19 -4.75 9.12
C ARG A 112 -25.25 -4.41 10.60
N PRO A 113 -26.04 -5.13 11.42
CA PRO A 113 -26.09 -4.81 12.86
C PRO A 113 -24.72 -4.69 13.51
N ASP A 114 -23.82 -5.64 13.29
CA ASP A 114 -22.54 -5.67 13.98
C ASP A 114 -21.34 -5.42 13.06
N SER A 115 -21.58 -5.07 11.79
CA SER A 115 -20.46 -4.99 10.86
C SER A 115 -20.81 -4.14 9.65
N PHE A 116 -19.77 -3.78 8.89
CA PHE A 116 -19.89 -3.21 7.57
C PHE A 116 -19.31 -4.19 6.56
N VAL A 117 -19.87 -4.20 5.36
CA VAL A 117 -19.40 -5.06 4.28
C VAL A 117 -19.00 -4.17 3.11
N LEU A 118 -17.77 -4.33 2.64
CA LEU A 118 -17.23 -3.53 1.55
C LEU A 118 -17.07 -4.42 0.33
N ILE A 119 -17.62 -3.98 -0.80
CA ILE A 119 -17.49 -4.68 -2.07
C ILE A 119 -16.38 -3.99 -2.85
N LEU A 120 -15.26 -4.68 -3.01
CA LEU A 120 -14.08 -4.15 -3.66
C LEU A 120 -13.85 -4.89 -4.98
N GLU A 121 -13.28 -4.18 -5.94
CA GLU A 121 -12.88 -4.82 -7.17
C GLU A 121 -11.86 -5.91 -6.87
N ARG A 122 -11.86 -6.95 -7.70
CA ARG A 122 -10.91 -8.04 -7.56
C ARG A 122 -10.24 -8.29 -8.90
N PRO A 123 -9.04 -7.79 -9.10
CA PRO A 123 -8.31 -8.16 -10.32
C PRO A 123 -7.93 -9.63 -10.30
N GLU A 124 -7.82 -10.20 -11.49
CA GLU A 124 -7.44 -11.60 -11.58
C GLU A 124 -6.81 -11.81 -12.95
N PRO A 125 -5.69 -12.51 -13.05
CA PRO A 125 -4.97 -13.13 -11.92
C PRO A 125 -4.16 -12.10 -11.15
N VAL A 126 -4.07 -12.24 -9.83
N VAL A 126 -4.01 -12.32 -9.85
CA VAL A 126 -3.25 -11.35 -9.01
CA VAL A 126 -3.35 -11.38 -8.94
C VAL A 126 -2.36 -12.16 -8.10
C VAL A 126 -2.42 -12.15 -8.01
N GLN A 127 -1.35 -11.47 -7.56
CA GLN A 127 -0.52 -11.95 -6.47
C GLN A 127 -0.11 -10.71 -5.69
N ASP A 128 -0.09 -10.78 -4.37
CA ASP A 128 0.34 -9.58 -3.68
C ASP A 128 1.86 -9.47 -3.78
N LEU A 129 2.36 -8.26 -3.56
CA LEU A 129 3.79 -8.04 -3.78
C LEU A 129 4.63 -8.73 -2.72
N PHE A 130 4.10 -8.95 -1.52
CA PHE A 130 4.86 -9.68 -0.52
C PHE A 130 5.20 -11.09 -1.01
N ASP A 131 4.18 -11.83 -1.46
CA ASP A 131 4.42 -13.19 -1.95
C ASP A 131 5.29 -13.18 -3.21
N PHE A 132 5.10 -12.20 -4.08
CA PHE A 132 5.90 -12.09 -5.30
C PHE A 132 7.39 -11.96 -4.96
N ILE A 133 7.73 -11.09 -4.03
CA ILE A 133 9.11 -10.92 -3.61
C ILE A 133 9.62 -12.17 -2.88
N THR A 134 8.78 -12.80 -2.07
CA THR A 134 9.21 -14.05 -1.42
C THR A 134 9.60 -15.08 -2.46
N GLU A 135 8.80 -15.23 -3.51
CA GLU A 135 9.06 -16.29 -4.47
C GLU A 135 10.20 -15.94 -5.42
N ARG A 136 10.35 -14.68 -5.77
CA ARG A 136 11.34 -14.30 -6.76
C ARG A 136 12.63 -13.77 -6.16
N GLY A 137 12.65 -13.47 -4.86
CA GLY A 137 13.83 -12.88 -4.26
C GLY A 137 13.93 -11.40 -4.61
N ALA A 138 15.13 -10.85 -4.45
CA ALA A 138 15.36 -9.45 -4.82
C ALA A 138 15.01 -9.24 -6.28
N LEU A 139 14.29 -8.14 -6.56
CA LEU A 139 13.85 -7.86 -7.92
C LEU A 139 14.93 -7.15 -8.72
N GLN A 140 15.03 -7.49 -10.01
CA GLN A 140 15.81 -6.67 -10.95
C GLN A 140 15.39 -5.21 -10.86
N GLU A 141 16.39 -4.32 -10.94
CA GLU A 141 16.09 -2.90 -10.73
C GLU A 141 15.12 -2.35 -11.77
N GLU A 142 15.17 -2.85 -13.01
CA GLU A 142 14.19 -2.40 -14.01
C GLU A 142 12.76 -2.70 -13.56
N LEU A 143 12.56 -3.86 -12.95
CA LEU A 143 11.23 -4.24 -12.46
C LEU A 143 10.87 -3.46 -11.21
N ALA A 144 11.82 -3.33 -10.27
CA ALA A 144 11.58 -2.53 -9.07
C ALA A 144 11.25 -1.10 -9.44
N ARG A 145 11.90 -0.56 -10.47
CA ARG A 145 11.63 0.81 -10.89
C ARG A 145 10.19 0.95 -11.40
N SER A 146 9.76 0.00 -12.21
CA SER A 146 8.40 0.03 -12.73
C SER A 146 7.39 -0.06 -11.59
N PHE A 147 7.58 -1.01 -10.69
CA PHE A 147 6.65 -1.17 -9.57
C PHE A 147 6.66 0.06 -8.66
N PHE A 148 7.85 0.53 -8.30
CA PHE A 148 7.96 1.68 -7.41
C PHE A 148 7.30 2.91 -8.01
N TRP A 149 7.52 3.14 -9.31
CA TRP A 149 6.90 4.26 -10.01
C TRP A 149 5.38 4.18 -9.90
N GLN A 150 4.81 3.00 -10.14
CA GLN A 150 3.36 2.86 -10.06
C GLN A 150 2.85 3.13 -8.66
N VAL A 151 3.59 2.69 -7.64
CA VAL A 151 3.17 2.95 -6.27
C VAL A 151 3.20 4.44 -5.99
N LEU A 152 4.26 5.11 -6.44
CA LEU A 152 4.33 6.57 -6.29
C LEU A 152 3.13 7.25 -6.94
N GLU A 153 2.75 6.83 -8.15
CA GLU A 153 1.62 7.48 -8.80
C GLU A 153 0.33 7.22 -8.02
N ALA A 154 0.17 6.00 -7.48
CA ALA A 154 -1.02 5.67 -6.68
C ALA A 154 -1.06 6.48 -5.39
N VAL A 155 0.08 6.62 -4.71
CA VAL A 155 0.12 7.40 -3.48
C VAL A 155 -0.14 8.87 -3.77
N ARG A 156 0.41 9.40 -4.88
CA ARG A 156 0.10 10.78 -5.27
C ARG A 156 -1.41 10.96 -5.47
N HIS A 157 -2.05 9.98 -6.11
CA HIS A 157 -3.50 10.05 -6.31
C HIS A 157 -4.22 10.12 -4.98
N CYS A 158 -3.85 9.26 -4.03
CA CYS A 158 -4.45 9.33 -2.70
C CYS A 158 -4.31 10.73 -2.11
N HIS A 159 -3.08 11.25 -2.08
CA HIS A 159 -2.86 12.57 -1.49
C HIS A 159 -3.65 13.65 -2.22
N ASN A 160 -3.70 13.58 -3.56
CA ASN A 160 -4.48 14.57 -4.32
C ASN A 160 -5.96 14.50 -3.95
N CYS A 161 -6.44 13.33 -3.55
CA CYS A 161 -7.82 13.12 -3.16
C CYS A 161 -8.05 13.35 -1.66
N GLY A 162 -7.03 13.80 -0.94
CA GLY A 162 -7.19 14.12 0.47
C GLY A 162 -7.05 12.93 1.41
N VAL A 163 -6.37 11.87 0.98
CA VAL A 163 -6.30 10.62 1.73
C VAL A 163 -4.84 10.25 2.00
N LEU A 164 -4.54 9.88 3.24
CA LEU A 164 -3.22 9.37 3.63
C LEU A 164 -3.38 7.89 3.96
N HIS A 165 -2.62 7.03 3.26
CA HIS A 165 -2.84 5.59 3.41
C HIS A 165 -2.34 5.08 4.76
N ARG A 166 -1.13 5.48 5.16
CA ARG A 166 -0.48 5.15 6.43
C ARG A 166 -0.11 3.68 6.60
N ASP A 167 -0.21 2.85 5.57
CA ASP A 167 0.23 1.46 5.71
C ASP A 167 0.80 0.95 4.38
N ILE A 168 1.59 1.78 3.71
CA ILE A 168 2.25 1.34 2.48
C ILE A 168 3.24 0.24 2.83
N LYS A 169 3.07 -0.93 2.22
CA LYS A 169 3.99 -2.06 2.40
C LYS A 169 3.68 -3.06 1.30
N ASP A 170 4.59 -4.02 1.09
CA ASP A 170 4.38 -4.94 -0.02
C ASP A 170 3.13 -5.79 0.19
N GLU A 171 2.74 -6.04 1.44
CA GLU A 171 1.53 -6.83 1.71
C GLU A 171 0.28 -6.13 1.22
N ASN A 172 0.32 -4.80 1.09
CA ASN A 172 -0.85 -4.01 0.72
C ASN A 172 -0.77 -3.54 -0.73
N ILE A 173 -0.07 -4.29 -1.57
CA ILE A 173 0.09 -3.97 -2.99
C ILE A 173 -0.20 -5.24 -3.77
N LEU A 174 -1.15 -5.14 -4.71
CA LEU A 174 -1.53 -6.26 -5.54
C LEU A 174 -0.96 -6.06 -6.94
N ILE A 175 -0.48 -7.15 -7.55
CA ILE A 175 0.04 -7.12 -8.91
C ILE A 175 -0.97 -7.80 -9.81
N ASP A 176 -1.51 -7.06 -10.78
CA ASP A 176 -2.27 -7.66 -11.88
C ASP A 176 -1.26 -8.30 -12.82
N LEU A 177 -1.16 -9.62 -12.78
CA LEU A 177 -0.09 -10.32 -13.49
C LEU A 177 -0.25 -10.25 -15.00
N ASN A 178 -1.45 -9.98 -15.52
CA ASN A 178 -1.61 -9.90 -16.96
C ASN A 178 -1.43 -8.48 -17.49
N ARG A 179 -1.81 -7.46 -16.72
CA ARG A 179 -1.71 -6.08 -17.17
C ARG A 179 -0.43 -5.37 -16.70
N GLY A 180 0.33 -5.98 -15.80
CA GLY A 180 1.48 -5.31 -15.22
C GLY A 180 1.14 -4.09 -14.39
N GLU A 181 -0.07 -4.03 -13.84
CA GLU A 181 -0.55 -2.88 -13.09
C GLU A 181 -0.61 -3.23 -11.61
N LEU A 182 -0.13 -2.34 -10.77
CA LEU A 182 -0.15 -2.51 -9.32
C LEU A 182 -1.35 -1.77 -8.74
N LYS A 183 -1.90 -2.29 -7.65
CA LYS A 183 -3.02 -1.68 -6.97
C LYS A 183 -2.74 -1.59 -5.47
N LEU A 184 -2.92 -0.41 -4.91
CA LEU A 184 -2.78 -0.20 -3.47
C LEU A 184 -4.09 -0.58 -2.78
N ILE A 185 -3.99 -1.43 -1.75
CA ILE A 185 -5.19 -1.94 -1.08
C ILE A 185 -5.15 -1.64 0.42
N ASP A 186 -6.23 -2.01 1.11
CA ASP A 186 -6.34 -1.94 2.56
C ASP A 186 -6.12 -0.54 3.12
N PHE A 187 -7.16 0.29 3.03
CA PHE A 187 -7.15 1.61 3.62
C PHE A 187 -7.60 1.61 5.08
N GLY A 188 -7.52 0.45 5.74
CA GLY A 188 -8.02 0.30 7.10
C GLY A 188 -7.23 1.03 8.16
N SER A 189 -6.01 1.48 7.85
CA SER A 189 -5.19 2.26 8.75
C SER A 189 -5.12 3.73 8.36
N GLY A 190 -5.85 4.12 7.32
CA GLY A 190 -5.67 5.43 6.73
C GLY A 190 -6.32 6.56 7.51
N ALA A 191 -6.08 7.77 7.04
CA ALA A 191 -6.66 8.96 7.64
C ALA A 191 -6.87 10.01 6.56
N LEU A 192 -7.73 10.99 6.86
CA LEU A 192 -7.76 12.17 6.01
C LEU A 192 -6.39 12.83 6.04
N LEU A 193 -5.94 13.30 4.89
CA LEU A 193 -4.63 13.93 4.81
C LEU A 193 -4.71 15.33 5.40
N LYS A 194 -3.76 15.66 6.26
CA LYS A 194 -3.69 16.98 6.88
C LYS A 194 -2.22 17.40 6.91
N ASP A 195 -2.00 18.70 7.07
CA ASP A 195 -0.66 19.25 7.13
C ASP A 195 -0.13 19.41 8.54
N THR A 196 -0.97 19.21 9.55
CA THR A 196 -0.56 19.32 10.95
C THR A 196 -0.09 17.96 11.45
N VAL A 197 0.34 17.91 12.70
CA VAL A 197 1.02 16.72 13.20
C VAL A 197 0.01 15.61 13.48
N TYR A 198 0.39 14.38 13.16
CA TYR A 198 -0.34 13.18 13.58
C TYR A 198 0.28 12.64 14.86
N THR A 199 -0.58 12.34 15.85
CA THR A 199 -0.13 11.72 17.10
C THR A 199 -0.68 10.32 17.30
N ASP A 200 -1.42 9.79 16.33
CA ASP A 200 -1.96 8.44 16.36
C ASP A 200 -1.43 7.66 15.16
N PHE A 201 -1.36 6.34 15.29
CA PHE A 201 -0.86 5.51 14.20
C PHE A 201 -1.29 4.07 14.43
N ASP A 202 -1.78 3.40 13.39
CA ASP A 202 -2.06 1.98 13.52
C ASP A 202 -1.65 1.19 12.28
N GLY A 203 -0.66 1.69 11.52
CA GLY A 203 -0.09 0.94 10.41
C GLY A 203 0.95 -0.06 10.90
N THR A 204 1.93 -0.36 10.06
CA THR A 204 2.89 -1.42 10.34
C THR A 204 4.16 -0.82 10.91
N ARG A 205 4.55 -1.26 12.11
CA ARG A 205 5.63 -0.60 12.83
C ARG A 205 6.97 -0.65 12.08
N VAL A 206 7.28 -1.78 11.43
CA VAL A 206 8.58 -1.87 10.76
C VAL A 206 8.64 -1.03 9.51
N TYR A 207 7.51 -0.47 9.05
CA TYR A 207 7.52 0.54 8.00
C TYR A 207 7.35 1.95 8.54
N SER A 208 7.27 2.14 9.88
CA SER A 208 6.98 3.45 10.45
C SER A 208 8.28 4.21 10.69
N PRO A 209 8.22 5.54 10.70
CA PRO A 209 9.45 6.35 10.68
C PRO A 209 10.02 6.56 12.06
N PRO A 210 11.28 6.98 12.17
CA PRO A 210 11.89 7.09 13.49
C PRO A 210 11.26 8.15 14.37
N GLU A 211 10.65 9.20 13.79
CA GLU A 211 9.97 10.19 14.62
C GLU A 211 8.74 9.60 15.29
N TRP A 212 8.12 8.59 14.68
CA TRP A 212 7.04 7.89 15.36
C TRP A 212 7.58 7.01 16.48
N ILE A 213 8.62 6.23 16.19
CA ILE A 213 9.27 5.41 17.21
C ILE A 213 9.70 6.27 18.40
N ARG A 214 10.43 7.36 18.12
CA ARG A 214 11.03 8.14 19.18
C ARG A 214 10.00 9.01 19.91
N TYR A 215 9.14 9.70 19.16
CA TYR A 215 8.35 10.79 19.73
C TYR A 215 6.84 10.61 19.61
N HIS A 216 6.36 9.52 19.00
CA HIS A 216 4.92 9.30 18.83
C HIS A 216 4.27 10.44 18.05
N ARG A 217 4.98 10.98 17.05
CA ARG A 217 4.40 11.99 16.19
C ARG A 217 5.06 11.94 14.82
N TYR A 218 4.35 12.44 13.82
CA TYR A 218 4.86 12.46 12.45
C TYR A 218 3.98 13.37 11.62
N HIS A 219 4.51 13.80 10.47
CA HIS A 219 3.72 14.46 9.45
C HIS A 219 3.49 13.48 8.31
N GLY A 220 2.36 13.65 7.63
CA GLY A 220 1.85 12.59 6.77
C GLY A 220 2.75 12.30 5.58
N ARG A 221 3.15 13.35 4.85
CA ARG A 221 3.88 13.12 3.60
C ARG A 221 5.27 12.55 3.87
N SER A 222 6.00 13.13 4.82
CA SER A 222 7.35 12.64 5.08
C SER A 222 7.34 11.27 5.73
N ALA A 223 6.28 10.93 6.47
CA ALA A 223 6.16 9.55 6.94
C ALA A 223 5.90 8.59 5.80
N ALA A 224 5.08 9.00 4.83
CA ALA A 224 4.83 8.16 3.65
C ALA A 224 6.13 7.91 2.89
N VAL A 225 6.93 8.95 2.70
CA VAL A 225 8.20 8.80 1.99
C VAL A 225 9.11 7.82 2.73
N TRP A 226 9.14 7.88 4.07
CA TRP A 226 9.92 6.90 4.81
C TRP A 226 9.47 5.48 4.46
N SER A 227 8.16 5.24 4.52
CA SER A 227 7.67 3.88 4.24
C SER A 227 7.96 3.46 2.80
N LEU A 228 7.97 4.43 1.88
CA LEU A 228 8.35 4.11 0.50
C LEU A 228 9.83 3.75 0.39
N GLY A 229 10.69 4.39 1.19
CA GLY A 229 12.08 3.96 1.25
C GLY A 229 12.22 2.52 1.72
N ILE A 230 11.46 2.15 2.75
CA ILE A 230 11.46 0.77 3.23
C ILE A 230 11.01 -0.16 2.11
N LEU A 231 9.93 0.22 1.43
CA LEU A 231 9.40 -0.60 0.34
C LEU A 231 10.40 -0.78 -0.79
N LEU A 232 11.11 0.30 -1.16
CA LEU A 232 12.06 0.17 -2.27
C LEU A 232 13.23 -0.73 -1.88
N TYR A 233 13.77 -0.58 -0.68
CA TYR A 233 14.78 -1.51 -0.19
C TYR A 233 14.27 -2.96 -0.25
N ASP A 234 13.06 -3.18 0.26
CA ASP A 234 12.39 -4.48 0.17
C ASP A 234 12.43 -5.05 -1.25
N MET A 235 12.12 -4.22 -2.25
N MET A 235 12.05 -4.22 -2.23
CA MET A 235 12.04 -4.72 -3.62
CA MET A 235 12.06 -4.66 -3.64
C MET A 235 13.42 -5.08 -4.18
C MET A 235 13.44 -5.13 -4.05
N VAL A 236 14.44 -4.25 -3.93
CA VAL A 236 15.74 -4.51 -4.55
C VAL A 236 16.64 -5.40 -3.70
N CYS A 237 16.31 -5.61 -2.42
CA CYS A 237 17.11 -6.49 -1.57
C CYS A 237 16.40 -7.79 -1.19
N GLY A 238 15.09 -7.85 -1.38
CA GLY A 238 14.34 -9.06 -1.12
C GLY A 238 13.75 -9.16 0.28
N ASP A 239 14.02 -8.19 1.14
CA ASP A 239 13.33 -8.10 2.42
C ASP A 239 13.59 -6.71 2.97
N ILE A 240 12.78 -6.31 3.95
CA ILE A 240 12.87 -4.97 4.52
C ILE A 240 14.17 -4.81 5.28
N PRO A 241 14.69 -3.58 5.44
CA PRO A 241 16.00 -3.39 6.08
C PRO A 241 15.96 -3.52 7.60
N PHE A 242 14.85 -3.14 8.24
CA PHE A 242 14.80 -3.01 9.69
C PHE A 242 13.74 -3.92 10.28
N GLU A 243 14.08 -4.62 11.36
CA GLU A 243 13.10 -5.37 12.13
C GLU A 243 12.90 -4.85 13.54
N HIS A 244 13.85 -4.09 14.09
CA HIS A 244 13.79 -3.65 15.47
C HIS A 244 13.82 -2.13 15.55
N ASP A 245 13.21 -1.59 16.62
CA ASP A 245 13.16 -0.14 16.80
C ASP A 245 14.54 0.49 16.72
N GLU A 246 15.54 -0.17 17.32
CA GLU A 246 16.89 0.39 17.35
C GLU A 246 17.47 0.54 15.95
N GLU A 247 17.13 -0.38 15.04
CA GLU A 247 17.54 -0.22 13.65
C GLU A 247 16.80 0.92 12.97
N ILE A 248 15.50 1.06 13.24
CA ILE A 248 14.73 2.13 12.63
C ILE A 248 15.33 3.49 12.98
N ILE A 249 15.69 3.68 14.25
CA ILE A 249 16.21 5.00 14.65
C ILE A 249 17.70 5.15 14.43
N GLY A 250 18.42 4.06 14.11
CA GLY A 250 19.86 4.09 14.12
C GLY A 250 20.49 4.85 12.97
N GLY A 251 19.80 4.94 11.83
CA GLY A 251 20.31 5.72 10.71
C GLY A 251 21.35 5.04 9.83
N GLN A 252 21.46 3.72 9.87
CA GLN A 252 22.40 2.99 9.03
C GLN A 252 21.65 2.03 8.12
N VAL A 253 21.93 2.10 6.82
CA VAL A 253 21.31 1.23 5.83
C VAL A 253 22.42 0.36 5.24
N PHE A 254 22.37 -0.93 5.53
CA PHE A 254 23.30 -1.90 4.97
C PHE A 254 22.62 -2.60 3.80
N PHE A 255 23.30 -2.66 2.66
CA PHE A 255 22.74 -3.34 1.49
C PHE A 255 23.27 -4.77 1.41
N ARG A 256 22.34 -5.73 1.49
CA ARG A 256 22.62 -7.16 1.51
C ARG A 256 22.66 -7.77 0.11
N GLN A 257 22.38 -6.96 -0.91
CA GLN A 257 22.31 -7.40 -2.29
C GLN A 257 23.03 -6.34 -3.11
N ARG A 258 23.49 -6.74 -4.30
N ARG A 258 23.50 -6.73 -4.30
CA ARG A 258 24.07 -5.76 -5.22
CA ARG A 258 24.08 -5.75 -5.20
C ARG A 258 22.99 -4.79 -5.67
C ARG A 258 22.98 -4.79 -5.64
N VAL A 259 23.16 -3.50 -5.34
CA VAL A 259 22.21 -2.46 -5.70
C VAL A 259 23.00 -1.28 -6.27
N SER A 260 22.50 -0.70 -7.37
CA SER A 260 23.24 0.38 -8.03
C SER A 260 23.41 1.56 -7.09
N SEP A 261 24.44 2.36 -7.34
CA SEP A 261 24.70 3.52 -6.52
CB SEP A 261 26.00 4.19 -6.98
OG SEP A 261 27.09 3.31 -6.71
C SEP A 261 23.54 4.52 -6.56
O SEP A 261 23.19 5.12 -5.54
P SEP A 261 27.75 2.78 -8.10
O1P SEP A 261 28.36 4.00 -8.94
O2P SEP A 261 28.97 1.77 -7.74
O3P SEP A 261 26.58 2.08 -9.00
N GLU A 262 22.91 4.68 -7.71
CA GLU A 262 21.76 5.59 -7.83
C GLU A 262 20.57 5.11 -6.98
N CYS A 263 20.27 3.81 -7.05
CA CYS A 263 19.19 3.26 -6.23
C CYS A 263 19.51 3.38 -4.74
N GLN A 264 20.75 3.04 -4.34
CA GLN A 264 21.14 3.21 -2.94
C GLN A 264 20.93 4.65 -2.48
N HIS A 265 21.32 5.62 -3.32
CA HIS A 265 21.19 7.02 -2.92
C HIS A 265 19.73 7.38 -2.69
N LEU A 266 18.84 6.95 -3.60
CA LEU A 266 17.42 7.27 -3.43
C LEU A 266 16.87 6.65 -2.16
N ILE A 267 17.19 5.38 -1.91
CA ILE A 267 16.74 4.72 -0.68
C ILE A 267 17.22 5.47 0.54
N ARG A 268 18.53 5.78 0.59
CA ARG A 268 19.07 6.45 1.77
C ARG A 268 18.45 7.83 1.96
N TRP A 269 18.07 8.47 0.86
CA TRP A 269 17.41 9.78 0.94
C TRP A 269 16.01 9.65 1.52
N CYS A 270 15.23 8.68 1.03
CA CYS A 270 13.91 8.40 1.60
C CYS A 270 14.00 8.03 3.07
N LEU A 271 15.11 7.41 3.48
CA LEU A 271 15.30 6.97 4.86
C LEU A 271 16.14 7.95 5.66
N ALA A 272 16.17 9.22 5.26
CA ALA A 272 16.78 10.25 6.08
C ALA A 272 16.15 10.28 7.46
N LEU A 273 16.99 10.37 8.51
CA LEU A 273 16.44 10.36 9.87
C LEU A 273 15.56 11.57 10.14
N ARG A 274 15.99 12.75 9.73
CA ARG A 274 15.19 13.95 9.92
C ARG A 274 14.13 14.05 8.83
N PRO A 275 12.84 14.17 9.18
CA PRO A 275 11.79 14.20 8.14
C PRO A 275 12.01 15.27 7.09
N SER A 276 12.47 16.46 7.49
CA SER A 276 12.67 17.56 6.54
C SER A 276 13.80 17.27 5.55
N ASP A 277 14.64 16.28 5.82
CA ASP A 277 15.70 15.90 4.89
C ASP A 277 15.22 14.92 3.82
N ARG A 278 14.00 14.38 3.94
CA ARG A 278 13.53 13.41 2.98
C ARG A 278 13.05 14.10 1.71
N PRO A 279 13.11 13.41 0.56
CA PRO A 279 12.65 14.03 -0.69
C PRO A 279 11.14 14.21 -0.69
N THR A 280 10.68 15.22 -1.44
CA THR A 280 9.28 15.29 -1.81
C THR A 280 8.96 14.21 -2.85
N PHE A 281 7.67 14.00 -3.14
CA PHE A 281 7.35 13.04 -4.18
C PHE A 281 7.90 13.48 -5.53
N GLU A 282 7.91 14.79 -5.78
CA GLU A 282 8.48 15.31 -7.02
C GLU A 282 9.97 14.99 -7.11
N GLU A 283 10.70 15.18 -6.02
CA GLU A 283 12.13 14.88 -6.03
C GLU A 283 12.40 13.40 -6.22
N ILE A 284 11.54 12.54 -5.67
CA ILE A 284 11.71 11.10 -5.88
C ILE A 284 11.55 10.77 -7.36
N GLN A 285 10.48 11.30 -7.97
CA GLN A 285 10.22 10.92 -9.36
C GLN A 285 11.15 11.61 -10.34
N ASN A 286 11.82 12.69 -9.93
CA ASN A 286 12.86 13.30 -10.75
C ASN A 286 14.25 12.72 -10.49
N HIS A 287 14.37 11.79 -9.55
CA HIS A 287 15.66 11.23 -9.22
C HIS A 287 16.23 10.45 -10.40
N PRO A 288 17.55 10.49 -10.62
CA PRO A 288 18.15 9.76 -11.74
C PRO A 288 17.77 8.28 -11.81
N TRP A 289 17.60 7.61 -10.67
CA TRP A 289 17.28 6.19 -10.73
C TRP A 289 15.91 5.93 -11.34
N MET A 290 15.01 6.89 -11.25
CA MET A 290 13.63 6.71 -11.68
C MET A 290 13.41 6.98 -13.15
N GLN A 291 14.43 7.37 -13.90
CA GLN A 291 14.19 7.76 -15.28
C GLN A 291 14.00 6.53 -16.18
N ASP A 292 13.25 6.73 -17.27
CA ASP A 292 13.03 5.71 -18.30
C ASP A 292 12.25 4.51 -17.78
N VAL A 293 11.19 4.76 -17.01
CA VAL A 293 10.38 3.68 -16.47
C VAL A 293 9.69 2.91 -17.61
N LEU A 294 9.49 1.61 -17.38
CA LEU A 294 8.68 0.81 -18.29
C LEU A 294 7.20 1.14 -18.16
N LEU A 295 6.48 0.97 -19.27
CA LEU A 295 5.03 1.00 -19.22
C LEU A 295 4.51 -0.26 -18.52
N PRO A 296 3.30 -0.21 -17.96
CA PRO A 296 2.75 -1.43 -17.34
C PRO A 296 2.74 -2.63 -18.27
N GLN A 297 2.33 -2.43 -19.53
CA GLN A 297 2.25 -3.55 -20.46
C GLN A 297 3.64 -4.12 -20.79
N GLU A 298 4.63 -3.24 -20.96
CA GLU A 298 6.00 -3.70 -21.13
C GLU A 298 6.47 -4.50 -19.91
N THR A 299 6.14 -4.01 -18.72
CA THR A 299 6.49 -4.71 -17.49
C THR A 299 5.89 -6.12 -17.47
N ALA A 300 4.63 -6.27 -17.86
CA ALA A 300 4.01 -7.59 -17.89
C ALA A 300 4.69 -8.50 -18.90
N GLU A 301 5.01 -7.97 -20.08
CA GLU A 301 5.56 -8.83 -21.13
C GLU A 301 7.00 -9.23 -20.82
N ILE A 302 7.76 -8.32 -20.21
CA ILE A 302 9.18 -8.58 -19.96
C ILE A 302 9.37 -9.42 -18.70
N HIS A 303 8.61 -9.13 -17.64
CA HIS A 303 8.89 -9.67 -16.32
C HIS A 303 7.82 -10.58 -15.74
N LEU A 304 6.60 -10.58 -16.29
CA LEU A 304 5.50 -11.29 -15.66
C LEU A 304 4.89 -12.42 -16.50
N HIS A 305 5.19 -12.50 -17.80
CA HIS A 305 4.53 -13.49 -18.65
C HIS A 305 5.43 -14.68 -18.97
N ARG B 2 17.83 -16.05 5.78
CA ARG B 2 17.21 -15.53 6.99
C ARG B 2 15.70 -15.41 6.82
N LYS B 3 14.98 -15.30 7.95
CA LYS B 3 13.52 -15.44 7.95
C LYS B 3 12.86 -14.14 7.49
N ARG B 4 12.11 -14.22 6.41
CA ARG B 4 11.28 -13.12 5.93
C ARG B 4 9.86 -13.39 6.39
N ARG B 5 9.20 -12.38 6.94
CA ARG B 5 7.88 -12.58 7.51
C ARG B 5 6.99 -11.38 7.26
N ARG B 6 5.69 -11.64 7.28
CA ARG B 6 4.73 -10.54 7.30
C ARG B 6 4.70 -9.88 8.69
N HIS B 7 4.13 -8.69 8.76
CA HIS B 7 4.04 -7.93 9.99
C HIS B 7 2.61 -7.39 10.13
N PRO B 8 1.87 -7.80 11.14
CA PRO B 8 0.50 -7.29 11.30
C PRO B 8 0.46 -5.79 11.52
N SER B 9 -0.60 -5.16 11.04
CA SER B 9 -0.86 -3.75 11.34
C SER B 9 -1.59 -3.63 12.68
C1 GOL C . 20.11 -4.46 7.88
O1 GOL C . 20.07 -4.34 6.50
C2 GOL C . 20.63 -3.11 8.43
O2 GOL C . 20.31 -2.06 7.60
C3 GOL C . 19.98 -2.98 9.83
O3 GOL C . 20.44 -1.78 10.37
C15 AY3 D . -8.54 -6.34 -2.27
C14 AY3 D . -8.64 -5.28 -1.38
C13 AY3 D . -8.57 -4.33 0.91
C12 AY3 D . -8.50 -5.49 -0.01
C11 AY3 D . -8.30 -6.78 0.45
C10 AY3 D . -8.22 -7.83 -0.44
O2 AY3 D . -8.76 -3.19 0.49
C9 AY3 D . -8.34 -7.63 -1.81
O1 AY3 D . -8.40 -4.61 2.18
C8 AY3 D . -8.20 -8.71 -2.80
C1 AY3 D . -7.25 -9.64 -2.91
O AY3 D . -8.14 -10.80 -4.87
C AY3 D . -7.30 -10.69 -3.99
C7 AY3 D . -5.43 -9.34 -1.05
C2 AY3 D . -6.05 -9.93 -2.15
N AY3 D . -6.21 -11.48 -3.82
C6 AY3 D . -4.25 -9.87 -0.57
C5 AY3 D . -3.67 -10.99 -1.16
C4 AY3 D . -4.27 -11.60 -2.24
C3 AY3 D . -5.45 -11.06 -2.74
#